data_3EY3
#
_entry.id   3EY3
#
_cell.length_a   40.074
_cell.length_b   43.218
_cell.length_c   88.712
_cell.angle_alpha   90.00
_cell.angle_beta   90.00
_cell.angle_gamma   90.00
#
_symmetry.space_group_name_H-M   'P 21 21 21'
#
loop_
_entity.id
_entity.type
_entity.pdbx_description
1 polymer "5'-D(*CP*GP*CP*GP*AP*AP*(USM)P*(USM)P*CP*GP*CP*G)-3'"
2 non-polymer 'STRONTIUM ION'
3 non-polymer (4S)-2-METHYL-2,4-PENTANEDIOL
4 water water
#
_entity_poly.entity_id   1
_entity_poly.type   'polydeoxyribonucleotide'
_entity_poly.pdbx_seq_one_letter_code
;(DC)(DG)(DC)(DG)(DA)(DA)(USM)(USM)(DC)(DG)(DC)(DG)
;
_entity_poly.pdbx_strand_id   A,B,C,D
#